data_4XS5
#
_entry.id   4XS5
#
_cell.length_a   83.111
_cell.length_b   84.520
_cell.length_c   109.681
_cell.angle_alpha   90.00
_cell.angle_beta   90.00
_cell.angle_gamma   90.00
#
_symmetry.space_group_name_H-M   'P 21 21 21'
#
loop_
_entity.id
_entity.type
_entity.pdbx_description
1 polymer 'Sulfate transporter/antisigma-factor antagonist STAS'
2 water water
#
_entity_poly.entity_id   1
_entity_poly.type   'polypeptide(L)'
_entity_poly.pdbx_seq_one_letter_code
;SNA(MSE)DFKLEKKEQYVYIETDAPAFAGDVPAAFEETARSLFREGYHSLIVN(MSE)QTVKSLDATGITTLKKVNYLC
ANDLG(MSE)LAIVTRDDDFIDLLEDLRIPDLTVLPTKEEAIDAVF(MSE)HSLENEFGAGDDDYDDEDYEGVSESKEP
;
_entity_poly.pdbx_strand_id   A,B,C,D
#
# COMPACT_ATOMS: atom_id res chain seq x y z
N ASP A 5 -8.61 22.51 2.75
CA ASP A 5 -8.46 21.23 3.46
C ASP A 5 -8.15 20.09 2.49
N PHE A 6 -7.08 19.36 2.77
CA PHE A 6 -6.64 18.28 1.91
C PHE A 6 -6.98 16.91 2.47
N LYS A 7 -7.30 15.98 1.59
CA LYS A 7 -7.50 14.58 1.98
C LYS A 7 -6.19 13.81 1.82
N LEU A 8 -5.86 13.00 2.81
CA LEU A 8 -4.59 12.28 2.80
C LEU A 8 -4.76 10.76 2.80
N GLU A 9 -4.02 10.09 1.93
CA GLU A 9 -3.90 8.64 1.99
C GLU A 9 -2.45 8.28 2.33
N LYS A 10 -2.24 7.77 3.55
CA LYS A 10 -0.89 7.46 4.00
C LYS A 10 -0.52 6.01 3.72
N LYS A 11 0.51 5.82 2.91
CA LYS A 11 1.06 4.51 2.64
C LYS A 11 2.49 4.43 3.16
N GLU A 12 3.16 3.30 2.94
CA GLU A 12 4.51 3.12 3.44
C GLU A 12 5.52 4.01 2.72
N GLN A 13 5.54 3.93 1.40
CA GLN A 13 6.50 4.66 0.58
C GLN A 13 6.13 6.11 0.33
N TYR A 14 4.84 6.38 0.21
CA TYR A 14 4.37 7.68 -0.30
C TYR A 14 3.09 8.17 0.38
N VAL A 15 2.77 9.44 0.17
CA VAL A 15 1.49 10.00 0.60
C VAL A 15 0.70 10.51 -0.59
N TYR A 16 -0.59 10.20 -0.63
CA TYR A 16 -1.47 10.67 -1.70
C TYR A 16 -2.36 11.79 -1.19
N ILE A 17 -2.19 12.98 -1.75
CA ILE A 17 -2.89 14.17 -1.29
C ILE A 17 -3.91 14.68 -2.30
N GLU A 18 -5.12 14.95 -1.85
CA GLU A 18 -6.17 15.47 -2.73
C GLU A 18 -6.61 16.88 -2.33
N THR A 19 -7.01 17.66 -3.33
CA THR A 19 -7.56 19.00 -3.09
C THR A 19 -8.69 19.30 -4.06
N ASP A 20 -9.68 20.05 -3.59
CA ASP A 20 -10.80 20.49 -4.43
C ASP A 20 -10.61 21.91 -4.96
N ALA A 21 -9.48 22.52 -4.62
CA ALA A 21 -9.23 23.92 -4.93
C ALA A 21 -9.19 24.19 -6.44
N PRO A 22 -9.96 25.20 -6.89
CA PRO A 22 -10.02 25.59 -8.31
C PRO A 22 -8.73 26.25 -8.79
N ALA A 23 -7.99 26.84 -7.85
CA ALA A 23 -6.74 27.50 -8.18
C ALA A 23 -5.73 27.36 -7.05
N PHE A 24 -4.47 27.17 -7.41
CA PHE A 24 -3.42 27.08 -6.42
C PHE A 24 -2.84 28.48 -6.24
N ALA A 25 -3.17 29.10 -5.11
CA ALA A 25 -2.92 30.53 -4.88
C ALA A 25 -3.48 30.95 -3.54
N GLY A 26 -3.12 32.16 -3.11
CA GLY A 26 -3.60 32.69 -1.85
C GLY A 26 -3.02 31.95 -0.65
N ASP A 27 -3.91 31.49 0.24
CA ASP A 27 -3.47 30.79 1.44
C ASP A 27 -3.34 29.29 1.19
N VAL A 28 -3.71 28.85 0.00
CA VAL A 28 -3.64 27.43 -0.36
C VAL A 28 -2.20 26.88 -0.43
N PRO A 29 -1.28 27.58 -1.14
CA PRO A 29 0.08 27.01 -1.21
C PRO A 29 0.78 26.98 0.14
N ALA A 30 0.47 27.93 1.02
CA ALA A 30 1.02 27.96 2.36
C ALA A 30 0.46 26.79 3.18
N ALA A 31 -0.80 26.46 2.93
CA ALA A 31 -1.45 25.35 3.59
C ALA A 31 -0.87 24.02 3.14
N PHE A 32 -0.67 23.89 1.83
CA PHE A 32 -0.09 22.68 1.25
C PHE A 32 1.34 22.48 1.73
N GLU A 33 2.09 23.57 1.82
CA GLU A 33 3.48 23.50 2.25
C GLU A 33 3.56 23.07 3.70
N GLU A 34 2.57 23.47 4.50
CA GLU A 34 2.50 23.07 5.89
C GLU A 34 2.22 21.57 6.00
N THR A 35 1.26 21.10 5.21
CA THR A 35 0.92 19.69 5.17
C THR A 35 2.11 18.86 4.70
N ALA A 36 2.80 19.37 3.68
CA ALA A 36 3.95 18.67 3.11
C ALA A 36 5.10 18.56 4.09
N ARG A 37 5.39 19.66 4.80
CA ARG A 37 6.51 19.70 5.72
C ARG A 37 6.27 18.82 6.96
N SER A 38 5.00 18.66 7.34
CA SER A 38 4.67 17.81 8.47
C SER A 38 4.84 16.34 8.10
N LEU A 39 4.56 16.02 6.84
CA LEU A 39 4.72 14.66 6.34
C LEU A 39 6.18 14.31 6.11
N PHE A 40 6.98 15.33 5.79
CA PHE A 40 8.42 15.14 5.57
C PHE A 40 9.11 14.72 6.86
N ARG A 41 8.75 15.37 7.96
CA ARG A 41 9.35 15.07 9.26
C ARG A 41 8.81 13.76 9.83
N GLU A 42 7.80 13.19 9.18
CA GLU A 42 7.30 11.87 9.53
C GLU A 42 8.05 10.78 8.78
N GLY A 43 8.98 11.19 7.92
CA GLY A 43 9.83 10.27 7.20
C GLY A 43 9.52 10.09 5.72
N TYR A 44 8.42 10.68 5.27
CA TYR A 44 7.99 10.54 3.87
C TYR A 44 8.88 11.31 2.90
N HIS A 45 9.44 10.60 1.93
CA HIS A 45 10.25 11.23 0.90
C HIS A 45 9.51 11.51 -0.42
N SER A 46 8.27 11.04 -0.52
CA SER A 46 7.56 11.11 -1.80
C SER A 46 6.09 11.47 -1.65
N LEU A 47 5.63 12.40 -2.49
CA LEU A 47 4.26 12.89 -2.42
C LEU A 47 3.56 12.84 -3.77
N ILE A 48 2.32 12.38 -3.77
CA ILE A 48 1.48 12.41 -4.95
C ILE A 48 0.25 13.27 -4.68
N VAL A 49 0.16 14.41 -5.37
CA VAL A 49 -0.95 15.32 -5.16
C VAL A 49 -1.88 15.33 -6.39
N ASN A 50 -3.19 15.37 -6.15
CA ASN A 50 -4.14 15.39 -7.25
C ASN A 50 -4.62 16.81 -7.49
N GLN A 52 -6.08 17.87 -10.39
CA GLN A 52 -7.01 17.84 -11.52
C GLN A 52 -7.99 19.02 -11.54
N THR A 53 -8.40 19.47 -10.37
CA THR A 53 -9.35 20.58 -10.27
C THR A 53 -8.66 21.95 -10.35
N VAL A 54 -7.34 21.99 -10.19
CA VAL A 54 -6.62 23.26 -10.23
C VAL A 54 -6.38 23.72 -11.66
N LYS A 55 -6.97 24.85 -12.04
CA LYS A 55 -6.81 25.40 -13.38
C LYS A 55 -5.80 26.54 -13.49
N SER A 56 -5.25 27.00 -12.36
CA SER A 56 -4.37 28.17 -12.39
C SER A 56 -3.41 28.25 -11.20
N LEU A 57 -2.35 29.04 -11.37
CA LEU A 57 -1.32 29.20 -10.35
C LEU A 57 -0.99 30.66 -10.09
N ASP A 58 -0.38 30.92 -8.94
CA ASP A 58 0.17 32.25 -8.64
C ASP A 58 1.67 32.14 -8.39
N ALA A 59 2.30 33.27 -8.08
CA ALA A 59 3.74 33.28 -7.84
C ALA A 59 4.12 32.43 -6.64
N THR A 60 3.35 32.54 -5.57
CA THR A 60 3.60 31.78 -4.35
C THR A 60 3.43 30.29 -4.60
N GLY A 61 2.40 29.94 -5.35
CA GLY A 61 2.12 28.55 -5.67
C GLY A 61 3.25 27.88 -6.41
N ILE A 62 3.90 28.62 -7.30
CA ILE A 62 5.01 28.08 -8.09
C ILE A 62 6.24 27.85 -7.22
N THR A 63 6.59 28.84 -6.41
CA THR A 63 7.74 28.72 -5.51
C THR A 63 7.52 27.60 -4.49
N THR A 64 6.28 27.50 -4.01
CA THR A 64 5.90 26.41 -3.11
C THR A 64 6.08 25.07 -3.80
N LEU A 65 5.55 24.99 -5.02
CA LEU A 65 5.67 23.79 -5.85
C LEU A 65 7.13 23.44 -6.09
N LYS A 66 7.94 24.47 -6.35
CA LYS A 66 9.37 24.30 -6.54
C LYS A 66 10.06 23.78 -5.29
N LYS A 67 9.66 24.31 -4.13
CA LYS A 67 10.31 23.98 -2.88
C LYS A 67 9.97 22.57 -2.41
N VAL A 68 8.68 22.23 -2.44
CA VAL A 68 8.23 20.90 -2.04
C VAL A 68 8.88 19.83 -2.92
N ASN A 69 9.00 20.12 -4.21
CA ASN A 69 9.66 19.21 -5.14
C ASN A 69 11.13 19.01 -4.80
N TYR A 70 11.78 20.08 -4.37
CA TYR A 70 13.20 20.00 -4.00
C TYR A 70 13.38 19.17 -2.73
N LEU A 71 12.51 19.39 -1.75
CA LEU A 71 12.58 18.67 -0.50
C LEU A 71 12.32 17.18 -0.72
N CYS A 72 11.50 16.87 -1.72
CA CYS A 72 11.24 15.49 -2.09
C CYS A 72 12.46 14.86 -2.75
N ALA A 73 13.07 15.59 -3.67
CA ALA A 73 14.22 15.09 -4.42
C ALA A 73 15.44 14.89 -3.51
N ASN A 74 15.60 15.79 -2.54
CA ASN A 74 16.75 15.74 -1.65
C ASN A 74 16.70 14.53 -0.72
N ASP A 75 15.49 13.99 -0.53
CA ASP A 75 15.28 12.78 0.26
C ASP A 75 15.32 11.53 -0.63
N LEU A 76 15.69 11.74 -1.89
CA LEU A 76 15.73 10.69 -2.92
C LEU A 76 14.33 10.18 -3.25
N GLY A 77 13.34 11.03 -3.02
CA GLY A 77 11.97 10.75 -3.43
C GLY A 77 11.60 11.64 -4.60
N LEU A 79 8.07 14.31 -6.32
CA LEU A 79 6.73 14.88 -6.22
C LEU A 79 5.96 14.66 -7.52
N ALA A 80 4.89 13.86 -7.43
CA ALA A 80 4.05 13.59 -8.59
C ALA A 80 2.75 14.38 -8.52
N ILE A 81 2.34 14.91 -9.68
CA ILE A 81 1.09 15.65 -9.78
C ILE A 81 0.14 14.93 -10.75
N VAL A 82 -1.11 14.78 -10.34
CA VAL A 82 -2.08 14.07 -11.15
C VAL A 82 -3.14 15.00 -11.74
N THR A 83 -3.10 15.19 -13.05
CA THR A 83 -4.17 15.92 -13.74
C THR A 83 -4.34 15.43 -15.19
N ARG A 84 -5.58 15.35 -15.64
CA ARG A 84 -5.88 14.99 -17.02
C ARG A 84 -5.78 16.19 -17.96
N ASP A 85 -6.04 17.38 -17.42
CA ASP A 85 -6.07 18.62 -18.21
C ASP A 85 -4.73 18.88 -18.89
N ASP A 86 -4.78 19.06 -20.21
CA ASP A 86 -3.56 19.13 -21.02
C ASP A 86 -2.84 20.48 -20.92
N ASP A 87 -3.58 21.57 -21.00
CA ASP A 87 -2.97 22.90 -20.96
C ASP A 87 -2.38 23.19 -19.58
N PHE A 88 -2.87 22.50 -18.56
CA PHE A 88 -2.33 22.65 -17.22
C PHE A 88 -0.99 21.94 -17.12
N ILE A 89 -0.85 20.83 -17.85
CA ILE A 89 0.42 20.10 -17.91
C ILE A 89 1.45 20.94 -18.66
N ASP A 90 1.01 21.61 -19.71
CA ASP A 90 1.88 22.51 -20.47
C ASP A 90 2.38 23.65 -19.59
N LEU A 91 1.54 24.06 -18.63
CA LEU A 91 1.90 25.12 -17.71
C LEU A 91 2.94 24.63 -16.70
N LEU A 92 2.66 23.49 -16.08
CA LEU A 92 3.55 22.91 -15.07
C LEU A 92 4.91 22.55 -15.64
N GLU A 93 4.91 22.06 -16.88
CA GLU A 93 6.15 21.68 -17.55
C GLU A 93 6.90 22.92 -18.05
N ASP A 94 6.19 24.04 -18.11
CA ASP A 94 6.80 25.30 -18.53
C ASP A 94 7.52 25.96 -17.36
N LEU A 95 7.26 25.45 -16.16
CA LEU A 95 7.93 25.94 -14.95
C LEU A 95 9.39 25.51 -14.92
N ARG A 96 9.74 24.59 -15.81
CA ARG A 96 11.11 24.08 -15.96
C ARG A 96 11.63 23.43 -14.68
N ILE A 97 10.72 22.91 -13.85
CA ILE A 97 11.11 22.17 -12.66
C ILE A 97 11.57 20.78 -13.07
N PRO A 98 12.86 20.47 -12.83
CA PRO A 98 13.53 19.30 -13.40
C PRO A 98 12.91 17.95 -13.01
N ASP A 99 12.64 17.74 -11.73
CA ASP A 99 12.13 16.46 -11.28
C ASP A 99 10.61 16.42 -11.13
N LEU A 100 9.95 17.53 -11.44
CA LEU A 100 8.50 17.60 -11.34
C LEU A 100 7.85 16.69 -12.39
N THR A 101 6.97 15.81 -11.93
CA THR A 101 6.33 14.85 -12.81
C THR A 101 4.81 15.04 -12.83
N VAL A 102 4.25 15.20 -14.03
CA VAL A 102 2.82 15.32 -14.19
C VAL A 102 2.27 14.11 -14.94
N LEU A 103 1.31 13.42 -14.33
CA LEU A 103 0.76 12.20 -14.89
C LEU A 103 -0.77 12.21 -14.87
N PRO A 104 -1.41 11.56 -15.86
CA PRO A 104 -2.86 11.59 -16.01
C PRO A 104 -3.63 10.90 -14.89
N THR A 105 -3.12 9.79 -14.36
CA THR A 105 -3.87 9.01 -13.38
C THR A 105 -3.08 8.75 -12.09
N LYS A 106 -3.79 8.34 -11.06
CA LYS A 106 -3.19 8.03 -9.76
C LYS A 106 -2.33 6.77 -9.83
N GLU A 107 -2.85 5.75 -10.52
CA GLU A 107 -2.15 4.48 -10.66
C GLU A 107 -0.81 4.69 -11.37
N GLU A 108 -0.79 5.62 -12.31
CA GLU A 108 0.41 5.92 -13.07
C GLU A 108 1.40 6.72 -12.23
N ALA A 109 0.88 7.58 -11.36
CA ALA A 109 1.72 8.39 -10.47
C ALA A 109 2.41 7.51 -9.44
N ILE A 110 1.70 6.49 -8.95
CA ILE A 110 2.27 5.56 -7.99
C ILE A 110 3.37 4.73 -8.64
N ASP A 111 3.14 4.33 -9.89
CA ASP A 111 4.15 3.59 -10.66
C ASP A 111 5.43 4.41 -10.77
N ALA A 112 5.27 5.71 -11.04
CA ALA A 112 6.40 6.60 -11.21
C ALA A 112 7.22 6.74 -9.93
N VAL A 113 6.53 6.79 -8.80
CA VAL A 113 7.19 6.94 -7.51
C VAL A 113 8.06 5.73 -7.21
N PHE A 114 7.54 4.54 -7.47
CA PHE A 114 8.29 3.32 -7.22
C PHE A 114 9.37 3.10 -8.27
N HIS A 116 11.02 5.53 -9.61
CA HIS A 116 12.06 6.45 -9.17
C HIS A 116 12.92 5.83 -8.09
N SER A 117 12.28 5.13 -7.16
CA SER A 117 12.98 4.44 -6.08
C SER A 117 13.95 3.42 -6.66
N LEU A 118 13.47 2.62 -7.61
CA LEU A 118 14.29 1.63 -8.27
C LEU A 118 15.41 2.29 -9.08
N GLU A 119 15.11 3.46 -9.63
CA GLU A 119 16.08 4.19 -10.45
C GLU A 119 17.30 4.63 -9.65
N ASN A 120 17.11 4.85 -8.35
CA ASN A 120 18.23 5.22 -7.48
C ASN A 120 19.24 4.09 -7.36
N GLU A 121 18.73 2.89 -7.07
CA GLU A 121 19.58 1.73 -6.83
C GLU A 121 20.10 1.07 -8.10
N PHE A 122 19.26 0.98 -9.13
CA PHE A 122 19.62 0.22 -10.33
C PHE A 122 19.61 1.07 -11.60
N GLY A 123 19.59 2.38 -11.46
CA GLY A 123 19.57 3.26 -12.61
C GLY A 123 20.87 3.24 -13.41
N PHE B 6 -8.12 -25.86 -19.33
CA PHE B 6 -7.35 -24.83 -18.63
C PHE B 6 -5.90 -25.25 -18.40
N LYS B 7 -5.04 -24.93 -19.35
CA LYS B 7 -3.61 -25.14 -19.16
C LYS B 7 -3.14 -24.25 -18.01
N LEU B 8 -2.51 -24.87 -17.01
CA LEU B 8 -2.23 -24.16 -15.77
C LEU B 8 -0.80 -24.39 -15.28
N GLU B 9 -0.03 -23.31 -15.18
CA GLU B 9 1.33 -23.37 -14.66
C GLU B 9 1.45 -22.60 -13.35
N LYS B 10 1.69 -23.33 -12.26
CA LYS B 10 1.82 -22.71 -10.95
C LYS B 10 3.21 -22.13 -10.74
N LYS B 11 3.28 -20.95 -10.14
CA LYS B 11 4.54 -20.32 -9.79
C LYS B 11 4.53 -19.87 -8.34
N GLU B 12 5.60 -19.21 -7.91
CA GLU B 12 5.73 -18.82 -6.52
C GLU B 12 4.76 -17.71 -6.13
N GLN B 13 4.78 -16.60 -6.87
CA GLN B 13 3.98 -15.44 -6.51
C GLN B 13 2.66 -15.33 -7.28
N TYR B 14 2.42 -16.28 -8.19
CA TYR B 14 1.21 -16.22 -9.02
C TYR B 14 0.92 -17.55 -9.71
N VAL B 15 -0.13 -17.57 -10.52
CA VAL B 15 -0.48 -18.73 -11.33
C VAL B 15 -0.82 -18.32 -12.76
N TYR B 16 -0.18 -18.95 -13.73
CA TYR B 16 -0.45 -18.66 -15.13
C TYR B 16 -1.51 -19.60 -15.69
N ILE B 17 -2.53 -19.03 -16.33
CA ILE B 17 -3.65 -19.81 -16.85
C ILE B 17 -3.88 -19.56 -18.33
N GLU B 18 -4.16 -20.62 -19.09
CA GLU B 18 -4.47 -20.50 -20.50
C GLU B 18 -5.81 -21.15 -20.84
N THR B 19 -6.67 -20.41 -21.53
CA THR B 19 -7.98 -20.92 -21.91
C THR B 19 -8.04 -21.16 -23.41
N ASP B 20 -8.80 -22.18 -23.81
CA ASP B 20 -8.94 -22.52 -25.23
C ASP B 20 -10.23 -21.97 -25.83
N ALA B 21 -11.03 -21.30 -25.00
CA ALA B 21 -12.36 -20.84 -25.42
C ALA B 21 -12.31 -19.66 -26.38
N PRO B 22 -13.06 -19.75 -27.49
CA PRO B 22 -13.18 -18.67 -28.48
C PRO B 22 -13.98 -17.50 -27.94
N ALA B 23 -14.74 -17.75 -26.89
CA ALA B 23 -15.55 -16.73 -26.24
C ALA B 23 -15.71 -17.05 -24.76
N PHE B 24 -15.85 -16.02 -23.93
CA PHE B 24 -16.13 -16.25 -22.53
C PHE B 24 -17.64 -16.20 -22.36
N ALA B 25 -18.25 -17.38 -22.25
CA ALA B 25 -19.71 -17.50 -22.18
C ALA B 25 -20.12 -18.86 -21.65
N GLY B 26 -21.35 -18.96 -21.16
CA GLY B 26 -21.93 -20.25 -20.82
C GLY B 26 -21.15 -21.04 -19.78
N ASP B 27 -20.75 -22.25 -20.16
CA ASP B 27 -20.04 -23.16 -19.27
C ASP B 27 -18.63 -22.70 -18.89
N VAL B 28 -18.05 -21.84 -19.71
CA VAL B 28 -16.65 -21.43 -19.51
C VAL B 28 -16.42 -20.60 -18.23
N PRO B 29 -17.21 -19.53 -17.99
CA PRO B 29 -16.93 -18.74 -16.78
C PRO B 29 -17.18 -19.50 -15.49
N ALA B 30 -18.13 -20.44 -15.51
CA ALA B 30 -18.42 -21.26 -14.35
C ALA B 30 -17.21 -22.13 -14.00
N ALA B 31 -16.49 -22.57 -15.03
CA ALA B 31 -15.31 -23.38 -14.85
C ALA B 31 -14.13 -22.53 -14.37
N PHE B 32 -14.07 -21.30 -14.86
CA PHE B 32 -12.99 -20.38 -14.50
C PHE B 32 -13.08 -19.97 -13.03
N GLU B 33 -14.30 -19.72 -12.56
CA GLU B 33 -14.50 -19.31 -11.17
C GLU B 33 -14.23 -20.46 -10.21
N GLU B 34 -14.61 -21.67 -10.62
CA GLU B 34 -14.36 -22.86 -9.82
C GLU B 34 -12.86 -23.16 -9.75
N THR B 35 -12.16 -22.88 -10.85
CA THR B 35 -10.73 -23.08 -10.92
C THR B 35 -10.00 -22.03 -10.08
N ALA B 36 -10.48 -20.79 -10.15
CA ALA B 36 -9.87 -19.69 -9.42
C ALA B 36 -10.02 -19.86 -7.92
N ARG B 37 -11.25 -20.11 -7.48
CA ARG B 37 -11.54 -20.26 -6.05
C ARG B 37 -10.77 -21.41 -5.42
N SER B 38 -10.49 -22.43 -6.21
CA SER B 38 -9.69 -23.56 -5.74
C SER B 38 -8.25 -23.12 -5.48
N LEU B 39 -7.77 -22.19 -6.29
CA LEU B 39 -6.41 -21.66 -6.14
C LEU B 39 -6.32 -20.65 -5.00
N PHE B 40 -7.42 -19.96 -4.73
CA PHE B 40 -7.45 -18.99 -3.63
C PHE B 40 -7.28 -19.68 -2.29
N ARG B 41 -7.87 -20.88 -2.17
CA ARG B 41 -7.74 -21.66 -0.95
C ARG B 41 -6.34 -22.27 -0.83
N GLU B 42 -5.60 -22.25 -1.94
CA GLU B 42 -4.23 -22.74 -1.96
C GLU B 42 -3.25 -21.64 -1.56
N GLY B 43 -3.75 -20.41 -1.44
CA GLY B 43 -2.94 -19.30 -1.00
C GLY B 43 -2.57 -18.28 -2.07
N TYR B 44 -2.92 -18.56 -3.33
CA TYR B 44 -2.59 -17.66 -4.42
C TYR B 44 -3.49 -16.44 -4.47
N HIS B 45 -2.88 -15.25 -4.37
CA HIS B 45 -3.63 -14.00 -4.43
C HIS B 45 -3.63 -13.34 -5.80
N SER B 46 -2.89 -13.91 -6.75
CA SER B 46 -2.74 -13.29 -8.06
C SER B 46 -2.80 -14.31 -9.20
N LEU B 47 -3.54 -13.97 -10.24
CA LEU B 47 -3.72 -14.85 -11.38
C LEU B 47 -3.41 -14.16 -12.70
N ILE B 48 -2.79 -14.88 -13.62
CA ILE B 48 -2.55 -14.38 -14.97
C ILE B 48 -3.17 -15.32 -15.99
N VAL B 49 -4.15 -14.83 -16.73
CA VAL B 49 -4.87 -15.66 -17.69
C VAL B 49 -4.68 -15.15 -19.12
N ASN B 50 -4.40 -16.06 -20.05
CA ASN B 50 -4.25 -15.69 -21.45
C ASN B 50 -5.58 -15.83 -22.19
N GLN B 52 -6.22 -14.42 -25.20
CA GLN B 52 -5.96 -14.09 -26.60
C GLN B 52 -6.97 -14.72 -27.57
N THR B 53 -7.36 -15.96 -27.30
CA THR B 53 -8.30 -16.67 -28.15
C THR B 53 -9.75 -16.24 -27.95
N VAL B 54 -10.00 -15.38 -26.97
CA VAL B 54 -11.38 -14.98 -26.66
C VAL B 54 -11.79 -13.71 -27.41
N LYS B 55 -12.70 -13.88 -28.37
CA LYS B 55 -13.14 -12.76 -29.22
C LYS B 55 -14.46 -12.13 -28.81
N SER B 56 -15.13 -12.69 -27.79
CA SER B 56 -16.42 -12.15 -27.36
C SER B 56 -16.74 -12.52 -25.90
N LEU B 57 -17.68 -11.78 -25.30
CA LEU B 57 -17.98 -11.94 -23.89
C LEU B 57 -19.48 -12.12 -23.61
N ASP B 58 -19.78 -12.59 -22.41
CA ASP B 58 -21.17 -12.79 -21.97
C ASP B 58 -21.37 -12.12 -20.61
N ALA B 59 -22.62 -11.76 -20.31
CA ALA B 59 -22.96 -11.12 -19.04
C ALA B 59 -22.52 -11.98 -17.85
N THR B 60 -22.66 -13.30 -18.00
CA THR B 60 -22.18 -14.24 -17.00
C THR B 60 -20.67 -14.16 -16.89
N GLY B 61 -20.01 -14.07 -18.05
CA GLY B 61 -18.58 -13.97 -18.11
C GLY B 61 -18.04 -12.67 -17.53
N ILE B 62 -18.73 -11.56 -17.83
CA ILE B 62 -18.33 -10.26 -17.34
C ILE B 62 -18.42 -10.17 -15.82
N THR B 63 -19.53 -10.67 -15.27
CA THR B 63 -19.71 -10.67 -13.82
C THR B 63 -18.74 -11.64 -13.15
N THR B 64 -18.45 -12.75 -13.82
CA THR B 64 -17.47 -13.71 -13.33
C THR B 64 -16.08 -13.06 -13.35
N LEU B 65 -15.80 -12.34 -14.42
CA LEU B 65 -14.53 -11.65 -14.57
C LEU B 65 -14.37 -10.57 -13.51
N LYS B 66 -15.46 -9.91 -13.18
CA LYS B 66 -15.45 -8.87 -12.15
C LYS B 66 -15.21 -9.47 -10.76
N LYS B 67 -15.82 -10.61 -10.48
CA LYS B 67 -15.76 -11.22 -9.17
C LYS B 67 -14.36 -11.77 -8.86
N VAL B 68 -13.79 -12.49 -9.83
CA VAL B 68 -12.44 -13.03 -9.67
C VAL B 68 -11.43 -11.89 -9.52
N ASN B 69 -11.66 -10.81 -10.25
CA ASN B 69 -10.81 -9.63 -10.14
C ASN B 69 -10.94 -8.99 -8.76
N TYR B 70 -12.15 -9.02 -8.21
CA TYR B 70 -12.40 -8.48 -6.88
C TYR B 70 -11.67 -9.29 -5.81
N LEU B 71 -11.77 -10.62 -5.93
CA LEU B 71 -11.15 -11.52 -4.95
C LEU B 71 -9.63 -11.34 -4.91
N CYS B 72 -9.03 -11.14 -6.06
CA CYS B 72 -7.59 -10.92 -6.13
C CYS B 72 -7.20 -9.58 -5.50
N ALA B 73 -7.97 -8.54 -5.82
CA ALA B 73 -7.71 -7.21 -5.28
C ALA B 73 -7.95 -7.15 -3.78
N ASN B 74 -8.84 -8.00 -3.29
CA ASN B 74 -9.16 -8.06 -1.87
C ASN B 74 -7.98 -8.61 -1.06
N ASP B 75 -7.22 -9.50 -1.68
CA ASP B 75 -6.05 -10.11 -1.05
C ASP B 75 -4.79 -9.29 -1.33
N LEU B 76 -4.99 -8.12 -1.94
CA LEU B 76 -3.90 -7.24 -2.37
C LEU B 76 -3.09 -7.93 -3.47
N GLY B 77 -3.77 -8.76 -4.24
CA GLY B 77 -3.18 -9.39 -5.41
C GLY B 77 -3.72 -8.74 -6.67
N LEU B 79 -5.47 -9.57 -10.82
CA LEU B 79 -5.88 -10.39 -11.95
C LEU B 79 -5.40 -9.76 -13.25
N ALA B 80 -4.49 -10.46 -13.93
CA ALA B 80 -3.93 -9.94 -15.17
C ALA B 80 -4.45 -10.72 -16.38
N ILE B 81 -4.83 -10.00 -17.42
CA ILE B 81 -5.31 -10.61 -18.66
C ILE B 81 -4.33 -10.37 -19.80
N VAL B 82 -3.95 -11.43 -20.49
CA VAL B 82 -3.01 -11.32 -21.60
C VAL B 82 -3.70 -11.51 -22.95
N THR B 83 -3.78 -10.43 -23.73
CA THR B 83 -4.28 -10.52 -25.10
C THR B 83 -3.65 -9.44 -25.98
N ARG B 84 -3.37 -9.79 -27.23
CA ARG B 84 -2.82 -8.84 -28.19
C ARG B 84 -3.95 -8.16 -28.95
N ASP B 85 -5.17 -8.65 -28.76
CA ASP B 85 -6.34 -8.09 -29.42
C ASP B 85 -6.67 -6.72 -28.82
N ASP B 86 -6.72 -5.71 -29.67
CA ASP B 86 -6.96 -4.33 -29.22
C ASP B 86 -8.44 -4.09 -28.96
N ASP B 87 -9.29 -4.96 -29.52
CA ASP B 87 -10.74 -4.82 -29.38
C ASP B 87 -11.23 -5.26 -28.00
N PHE B 88 -10.44 -6.08 -27.33
CA PHE B 88 -10.82 -6.59 -26.01
C PHE B 88 -10.86 -5.46 -24.99
N ILE B 89 -9.80 -4.66 -24.94
CA ILE B 89 -9.72 -3.53 -24.02
C ILE B 89 -10.84 -2.52 -24.28
N ASP B 90 -11.16 -2.33 -25.56
CA ASP B 90 -12.23 -1.43 -25.97
C ASP B 90 -13.60 -1.91 -25.50
N LEU B 91 -13.70 -3.22 -25.25
CA LEU B 91 -14.95 -3.81 -24.79
C LEU B 91 -15.18 -3.46 -23.33
N LEU B 92 -14.11 -3.46 -22.53
CA LEU B 92 -14.21 -3.10 -21.13
C LEU B 92 -14.59 -1.63 -20.95
N GLU B 93 -14.05 -0.79 -21.84
CA GLU B 93 -14.32 0.65 -21.77
C GLU B 93 -15.75 0.97 -22.18
N ASP B 94 -16.33 0.13 -23.04
CA ASP B 94 -17.72 0.30 -23.45
C ASP B 94 -18.69 0.01 -22.32
N LEU B 95 -18.19 -0.68 -21.29
CA LEU B 95 -19.00 -1.02 -20.13
C LEU B 95 -18.37 -0.52 -18.83
N PRO B 98 -15.25 -1.32 -15.43
CA PRO B 98 -14.62 -2.14 -14.39
C PRO B 98 -13.23 -1.60 -14.05
N ASP B 99 -12.53 -2.24 -13.13
CA ASP B 99 -11.11 -1.96 -12.96
C ASP B 99 -10.33 -3.25 -13.18
N LEU B 100 -9.57 -3.29 -14.27
CA LEU B 100 -8.96 -4.54 -14.74
C LEU B 100 -7.66 -4.29 -15.50
N THR B 101 -6.75 -5.25 -15.43
CA THR B 101 -5.45 -5.13 -16.06
C THR B 101 -5.33 -6.02 -17.28
N VAL B 102 -5.22 -5.40 -18.45
CA VAL B 102 -5.07 -6.12 -19.70
C VAL B 102 -3.76 -5.74 -20.38
N LEU B 103 -2.92 -6.74 -20.66
CA LEU B 103 -1.61 -6.50 -21.24
C LEU B 103 -1.35 -7.42 -22.43
N PRO B 104 -0.60 -6.95 -23.43
CA PRO B 104 -0.36 -7.72 -24.65
C PRO B 104 0.51 -8.97 -24.46
N THR B 105 1.40 -8.96 -23.48
CA THR B 105 2.38 -10.03 -23.32
C THR B 105 2.30 -10.68 -21.94
N LYS B 106 2.65 -11.96 -21.88
CA LYS B 106 2.76 -12.68 -20.61
C LYS B 106 3.83 -12.06 -19.73
N GLU B 107 4.95 -11.68 -20.35
CA GLU B 107 6.06 -11.07 -19.63
C GLU B 107 5.63 -9.78 -18.94
N GLU B 108 4.86 -8.96 -19.64
CA GLU B 108 4.38 -7.71 -19.08
C GLU B 108 3.42 -7.97 -17.92
N ALA B 109 2.62 -9.03 -18.05
CA ALA B 109 1.70 -9.42 -17.00
C ALA B 109 2.46 -9.79 -15.73
N ILE B 110 3.58 -10.50 -15.90
CA ILE B 110 4.42 -10.89 -14.78
C ILE B 110 5.04 -9.66 -14.12
N ASP B 111 5.53 -8.73 -14.92
CA ASP B 111 6.09 -7.49 -14.41
C ASP B 111 5.04 -6.70 -13.64
N ALA B 112 3.83 -6.69 -14.17
CA ALA B 112 2.73 -5.97 -13.54
C ALA B 112 2.40 -6.55 -12.16
N VAL B 113 2.37 -7.87 -12.07
CA VAL B 113 2.08 -8.55 -10.81
C VAL B 113 3.16 -8.26 -9.78
N PHE B 114 4.42 -8.38 -10.18
CA PHE B 114 5.55 -8.07 -9.32
C PHE B 114 5.54 -6.60 -8.90
N HIS B 116 2.94 -4.69 -8.76
CA HIS B 116 1.79 -4.51 -7.87
C HIS B 116 2.12 -5.00 -6.47
N SER B 117 2.87 -6.09 -6.39
CA SER B 117 3.28 -6.65 -5.11
C SER B 117 4.16 -5.67 -4.35
N LEU B 118 5.16 -5.13 -5.06
CA LEU B 118 6.09 -4.18 -4.48
C LEU B 118 5.39 -2.96 -3.89
N GLU B 119 4.34 -2.52 -4.57
CA GLU B 119 3.61 -1.33 -4.16
C GLU B 119 2.70 -1.59 -2.96
N ASN B 120 2.21 -2.82 -2.87
CA ASN B 120 1.34 -3.20 -1.76
C ASN B 120 2.08 -3.94 -0.65
N GLU B 121 3.40 -4.10 -0.81
CA GLU B 121 4.22 -4.76 0.20
C GLU B 121 4.52 -3.83 1.37
N ASN C 2 -6.87 -1.55 -1.88
CA ASN C 2 -7.80 -0.53 -2.31
C ASN C 2 -8.92 -0.32 -1.28
N ALA C 3 -9.57 -1.42 -0.89
CA ALA C 3 -10.62 -1.37 0.11
C ALA C 3 -10.02 -1.26 1.51
N ASP C 5 -7.58 0.88 2.10
CA ASP C 5 -7.07 2.25 2.17
C ASP C 5 -8.03 3.18 2.89
N PHE C 6 -7.48 4.11 3.67
CA PHE C 6 -8.30 5.07 4.40
C PHE C 6 -7.96 6.51 4.04
N LYS C 7 -8.99 7.28 3.71
CA LYS C 7 -8.83 8.66 3.30
C LYS C 7 -8.99 9.60 4.50
N LEU C 8 -7.93 10.32 4.84
CA LEU C 8 -7.94 11.16 6.03
C LEU C 8 -8.11 12.64 5.70
N GLU C 9 -9.08 13.27 6.35
CA GLU C 9 -9.21 14.72 6.30
C GLU C 9 -8.94 15.29 7.69
N LYS C 10 -7.81 15.98 7.83
CA LYS C 10 -7.40 16.46 9.14
C LYS C 10 -7.88 17.88 9.40
N LYS C 11 -8.70 18.03 10.43
CA LYS C 11 -9.17 19.34 10.87
C LYS C 11 -8.58 19.65 12.23
N GLU C 12 -8.90 20.82 12.76
CA GLU C 12 -8.37 21.22 14.05
C GLU C 12 -9.01 20.42 15.18
N GLN C 13 -10.34 20.34 15.17
CA GLN C 13 -11.07 19.73 16.28
C GLN C 13 -11.42 18.26 16.07
N TYR C 14 -11.10 17.71 14.90
CA TYR C 14 -11.46 16.33 14.58
C TYR C 14 -10.75 15.79 13.36
N VAL C 15 -11.00 14.53 13.03
CA VAL C 15 -10.48 13.90 11.83
C VAL C 15 -11.57 13.14 11.09
N TYR C 16 -11.78 13.50 9.83
CA TYR C 16 -12.77 12.83 9.00
C TYR C 16 -12.14 11.70 8.21
N ILE C 17 -12.57 10.47 8.49
CA ILE C 17 -11.98 9.29 7.85
C ILE C 17 -12.95 8.63 6.88
N GLU C 18 -12.48 8.39 5.65
CA GLU C 18 -13.29 7.74 4.63
C GLU C 18 -12.75 6.36 4.27
N THR C 19 -13.65 5.47 3.89
CA THR C 19 -13.26 4.16 3.38
C THR C 19 -14.16 3.78 2.22
N ASP C 20 -13.62 3.00 1.28
CA ASP C 20 -14.42 2.46 0.18
C ASP C 20 -14.88 1.03 0.43
N ALA C 21 -14.54 0.48 1.59
CA ALA C 21 -14.76 -0.93 1.90
C ALA C 21 -16.24 -1.33 1.91
N PRO C 22 -16.58 -2.40 1.17
CA PRO C 22 -17.95 -2.91 1.10
C PRO C 22 -18.38 -3.52 2.43
N ALA C 23 -17.41 -4.02 3.18
CA ALA C 23 -17.68 -4.65 4.46
C ALA C 23 -16.49 -4.44 5.40
N PHE C 24 -16.77 -4.35 6.70
CA PHE C 24 -15.69 -4.21 7.66
C PHE C 24 -15.34 -5.62 8.11
N ALA C 25 -14.20 -6.12 7.64
CA ALA C 25 -13.83 -7.52 7.85
C ALA C 25 -12.35 -7.77 7.63
N GLY C 26 -11.85 -8.88 8.17
CA GLY C 26 -10.50 -9.31 7.90
C GLY C 26 -9.42 -8.33 8.33
N ASP C 27 -8.58 -7.94 7.38
CA ASP C 27 -7.48 -7.03 7.66
C ASP C 27 -7.92 -5.56 7.70
N VAL C 28 -9.16 -5.30 7.29
CA VAL C 28 -9.67 -3.93 7.25
C VAL C 28 -9.82 -3.31 8.65
N PRO C 29 -10.44 -4.01 9.63
CA PRO C 29 -10.50 -3.39 10.95
C PRO C 29 -9.13 -3.22 11.60
N ALA C 30 -8.22 -4.16 11.32
CA ALA C 30 -6.87 -4.08 11.84
C ALA C 30 -6.16 -2.84 11.28
N ALA C 31 -6.45 -2.53 10.02
CA ALA C 31 -5.88 -1.36 9.36
C ALA C 31 -6.49 -0.08 9.90
N PHE C 32 -7.79 -0.11 10.16
CA PHE C 32 -8.49 1.05 10.71
C PHE C 32 -7.97 1.42 12.09
N GLU C 33 -7.72 0.39 12.91
CA GLU C 33 -7.22 0.60 14.27
C GLU C 33 -5.86 1.27 14.26
N GLU C 34 -5.01 0.86 13.32
CA GLU C 34 -3.68 1.42 13.20
C GLU C 34 -3.77 2.88 12.77
N THR C 35 -4.69 3.17 11.87
CA THR C 35 -4.96 4.54 11.44
C THR C 35 -5.41 5.39 12.62
N ALA C 36 -6.27 4.80 13.45
CA ALA C 36 -6.82 5.50 14.61
C ALA C 36 -5.74 5.75 15.67
N ARG C 37 -4.96 4.73 15.97
CA ARG C 37 -3.94 4.82 17.02
C ARG C 37 -2.83 5.80 16.65
N SER C 38 -2.56 5.94 15.35
CA SER C 38 -1.57 6.90 14.89
C SER C 38 -2.10 8.32 15.02
N LEU C 39 -3.39 8.49 14.75
CA LEU C 39 -4.05 9.78 14.88
C LEU C 39 -4.17 10.20 16.34
N PHE C 40 -4.26 9.20 17.22
CA PHE C 40 -4.30 9.46 18.66
C PHE C 40 -2.95 10.01 19.13
N ARG C 41 -1.87 9.45 18.61
CA ARG C 41 -0.53 9.91 18.94
C ARG C 41 -0.26 11.28 18.36
N GLU C 42 -0.98 11.63 17.29
CA GLU C 42 -0.84 12.95 16.67
C GLU C 42 -1.64 14.00 17.40
N GLY C 43 -2.44 13.57 18.38
CA GLY C 43 -3.18 14.51 19.21
C GLY C 43 -4.68 14.57 18.97
N TYR C 44 -5.18 13.87 17.95
CA TYR C 44 -6.61 13.93 17.64
C TYR C 44 -7.41 12.93 18.48
N HIS C 45 -8.28 13.44 19.33
CA HIS C 45 -9.10 12.60 20.20
C HIS C 45 -10.52 12.35 19.68
N SER C 46 -10.87 12.95 18.55
CA SER C 46 -12.22 12.82 18.01
C SER C 46 -12.20 12.41 16.54
N LEU C 47 -12.88 11.31 16.23
CA LEU C 47 -12.85 10.75 14.89
C LEU C 47 -14.24 10.61 14.28
N ILE C 48 -14.37 11.07 13.03
CA ILE C 48 -15.59 10.86 12.26
C ILE C 48 -15.31 9.92 11.10
N VAL C 49 -15.92 8.74 11.12
CA VAL C 49 -15.70 7.75 10.08
C VAL C 49 -16.93 7.58 9.20
N ASN C 50 -16.74 7.61 7.87
CA ASN C 50 -17.86 7.40 6.97
C ASN C 50 -17.92 5.93 6.56
N GLN C 52 -20.70 4.50 5.13
CA GLN C 52 -21.81 4.35 4.19
C GLN C 52 -21.62 3.19 3.20
N THR C 53 -20.39 3.02 2.73
CA THR C 53 -20.08 1.92 1.82
C THR C 53 -20.17 0.54 2.48
N VAL C 54 -20.02 0.50 3.80
CA VAL C 54 -20.00 -0.78 4.50
C VAL C 54 -21.41 -1.33 4.72
N LYS C 55 -21.68 -2.49 4.13
CA LYS C 55 -22.98 -3.15 4.29
C LYS C 55 -23.00 -4.27 5.33
N SER C 56 -21.85 -4.60 5.90
CA SER C 56 -21.78 -5.69 6.89
C SER C 56 -20.57 -5.59 7.79
N LEU C 57 -20.64 -6.27 8.93
CA LEU C 57 -19.60 -6.18 9.96
C LEU C 57 -19.28 -7.55 10.56
N ASP C 58 -17.99 -7.82 10.79
CA ASP C 58 -17.59 -9.09 11.36
C ASP C 58 -17.21 -8.96 12.84
N ALA C 59 -16.77 -10.07 13.42
CA ALA C 59 -16.50 -10.14 14.86
C ALA C 59 -15.37 -9.20 15.29
N THR C 60 -14.21 -9.33 14.63
CA THR C 60 -13.05 -8.52 14.99
C THR C 60 -13.27 -7.07 14.60
N GLY C 61 -14.26 -6.82 13.75
CA GLY C 61 -14.61 -5.48 13.36
C GLY C 61 -15.37 -4.76 14.47
N ILE C 62 -16.12 -5.52 15.25
CA ILE C 62 -16.89 -4.96 16.35
C ILE C 62 -16.00 -4.56 17.52
N THR C 63 -15.07 -5.45 17.89
CA THR C 63 -14.14 -5.17 18.98
C THR C 63 -13.26 -3.98 18.64
N THR C 64 -12.84 -3.90 17.38
CA THR C 64 -12.08 -2.75 16.92
C THR C 64 -12.91 -1.48 17.04
N LEU C 65 -14.17 -1.59 16.61
CA LEU C 65 -15.11 -0.48 16.67
C LEU C 65 -15.35 -0.06 18.11
N LYS C 66 -15.40 -1.04 19.01
CA LYS C 66 -15.57 -0.77 20.44
C LYS C 66 -14.32 -0.12 21.03
N LYS C 67 -13.15 -0.65 20.68
CA LYS C 67 -11.89 -0.20 21.25
C LYS C 67 -11.60 1.26 20.89
N VAL C 68 -11.72 1.58 19.60
CA VAL C 68 -11.51 2.93 19.12
C VAL C 68 -12.49 3.88 19.80
N ASN C 69 -13.73 3.42 19.98
CA ASN C 69 -14.74 4.20 20.66
C ASN C 69 -14.35 4.49 22.11
N TYR C 70 -13.83 3.48 22.80
CA TYR C 70 -13.37 3.64 24.17
C TYR C 70 -12.22 4.62 24.27
N LEU C 71 -11.27 4.50 23.35
CA LEU C 71 -10.08 5.35 23.35
C LEU C 71 -10.44 6.82 23.09
N CYS C 72 -11.54 7.05 22.38
CA CYS C 72 -12.00 8.40 22.13
C CYS C 72 -12.69 8.98 23.38
N ALA C 73 -13.38 8.11 24.11
CA ALA C 73 -14.14 8.53 25.29
C ALA C 73 -13.24 9.00 26.43
N ASN C 74 -12.24 8.20 26.77
CA ASN C 74 -11.33 8.51 27.87
C ASN C 74 -10.51 9.78 27.61
N ASP C 75 -10.40 10.15 26.34
CA ASP C 75 -9.68 11.36 25.94
C ASP C 75 -10.63 12.55 25.88
N LEU C 76 -11.88 12.32 26.30
CA LEU C 76 -12.95 13.31 26.27
C LEU C 76 -13.26 13.72 24.83
N GLY C 77 -12.97 12.81 23.91
CA GLY C 77 -13.31 13.01 22.51
C GLY C 77 -14.50 12.14 22.15
N LEU C 79 -16.28 9.21 18.99
CA LEU C 79 -16.26 8.45 17.75
C LEU C 79 -17.61 8.55 17.05
N ALA C 80 -17.63 9.17 15.89
CA ALA C 80 -18.85 9.31 15.10
C ALA C 80 -18.79 8.46 13.84
N ILE C 81 -19.80 7.62 13.66
CA ILE C 81 -19.93 6.81 12.45
C ILE C 81 -21.01 7.40 11.55
N VAL C 82 -20.65 7.69 10.30
CA VAL C 82 -21.62 8.23 9.35
C VAL C 82 -22.09 7.19 8.35
N THR C 83 -23.35 6.78 8.49
CA THR C 83 -23.99 5.93 7.49
C THR C 83 -25.46 6.29 7.34
N ARG C 84 -25.92 6.37 6.09
CA ARG C 84 -27.32 6.66 5.80
C ARG C 84 -28.12 5.39 5.55
N ASP C 85 -27.43 4.25 5.57
CA ASP C 85 -28.08 2.97 5.25
C ASP C 85 -28.94 2.48 6.41
N ASP C 86 -30.21 2.25 6.12
CA ASP C 86 -31.17 1.86 7.15
C ASP C 86 -30.94 0.42 7.63
N ASP C 87 -30.57 -0.45 6.71
CA ASP C 87 -30.35 -1.86 7.03
C ASP C 87 -29.12 -2.07 7.91
N PHE C 88 -28.07 -1.30 7.65
CA PHE C 88 -26.82 -1.45 8.37
C PHE C 88 -26.89 -0.85 9.77
N ILE C 89 -27.70 0.18 9.94
CA ILE C 89 -27.90 0.79 11.26
C ILE C 89 -28.61 -0.19 12.18
N ASP C 90 -29.65 -0.84 11.67
CA ASP C 90 -30.37 -1.86 12.43
C ASP C 90 -29.46 -3.00 12.83
N LEU C 91 -28.53 -3.35 11.94
CA LEU C 91 -27.56 -4.40 12.22
C LEU C 91 -26.66 -4.01 13.39
N LEU C 92 -26.36 -2.72 13.50
CA LEU C 92 -25.55 -2.21 14.60
C LEU C 92 -26.36 -2.20 15.90
N GLU C 93 -27.67 -1.99 15.78
CA GLU C 93 -28.55 -1.98 16.94
C GLU C 93 -28.88 -3.39 17.41
N ASP C 94 -29.12 -4.30 16.46
CA ASP C 94 -29.45 -5.68 16.79
C ASP C 94 -28.26 -6.39 17.43
N LEU C 95 -27.06 -5.92 17.13
CA LEU C 95 -25.85 -6.45 17.75
C LEU C 95 -25.65 -5.86 19.15
N ARG C 96 -26.45 -4.84 19.46
CA ARG C 96 -26.42 -4.18 20.76
C ARG C 96 -25.03 -3.65 21.10
N ILE C 97 -24.44 -2.89 20.18
CA ILE C 97 -23.14 -2.26 20.41
C ILE C 97 -23.34 -0.96 21.18
N PRO C 98 -22.86 -0.93 22.44
CA PRO C 98 -23.13 0.18 23.36
C PRO C 98 -22.31 1.45 23.06
N ASP C 99 -22.92 2.59 23.38
CA ASP C 99 -22.24 3.89 23.31
C ASP C 99 -21.69 4.22 21.92
N LEU C 100 -22.48 3.89 20.90
CA LEU C 100 -22.04 4.10 19.52
C LEU C 100 -22.85 5.21 18.86
N THR C 101 -22.17 6.28 18.44
CA THR C 101 -22.83 7.41 17.79
C THR C 101 -22.89 7.21 16.28
N VAL C 102 -24.10 7.10 15.74
CA VAL C 102 -24.29 6.89 14.32
C VAL C 102 -25.18 7.99 13.73
N LEU C 103 -24.64 8.71 12.74
CA LEU C 103 -25.35 9.85 12.18
C LEU C 103 -25.41 9.79 10.66
N PRO C 104 -26.51 10.29 10.06
CA PRO C 104 -26.73 10.21 8.62
C PRO C 104 -25.76 11.05 7.78
N THR C 105 -25.33 12.20 8.31
CA THR C 105 -24.53 13.12 7.53
C THR C 105 -23.21 13.48 8.22
N LYS C 106 -22.20 13.79 7.42
CA LYS C 106 -20.95 14.33 7.93
C LYS C 106 -21.21 15.64 8.67
N GLU C 107 -22.15 16.43 8.14
CA GLU C 107 -22.52 17.71 8.75
C GLU C 107 -23.05 17.52 10.17
N GLU C 108 -23.88 16.50 10.35
CA GLU C 108 -24.44 16.21 11.67
C GLU C 108 -23.37 15.62 12.59
N ALA C 109 -22.49 14.80 12.03
CA ALA C 109 -21.39 14.21 12.79
C ALA C 109 -20.49 15.29 13.38
N ILE C 110 -20.21 16.31 12.58
CA ILE C 110 -19.38 17.43 13.01
C ILE C 110 -20.09 18.21 14.11
N ASP C 111 -21.39 18.40 13.96
CA ASP C 111 -22.20 19.03 15.00
C ASP C 111 -22.08 18.25 16.31
N ALA C 112 -22.10 16.93 16.21
CA ALA C 112 -22.03 16.07 17.38
C ALA C 112 -20.68 16.19 18.08
N VAL C 113 -19.62 16.35 17.30
CA VAL C 113 -18.27 16.51 17.85
C VAL C 113 -18.18 17.79 18.67
N PHE C 114 -18.60 18.90 18.08
CA PHE C 114 -18.57 20.19 18.75
C PHE C 114 -19.51 20.23 19.95
N HIS C 116 -20.25 17.61 21.85
CA HIS C 116 -19.55 16.87 22.89
C HIS C 116 -18.45 17.71 23.51
N SER C 117 -17.76 18.49 22.67
CA SER C 117 -16.72 19.39 23.13
C SER C 117 -17.28 20.43 24.09
N LEU C 118 -18.45 20.98 23.75
CA LEU C 118 -19.11 21.97 24.58
C LEU C 118 -19.68 21.35 25.86
N GLU C 119 -20.09 20.09 25.76
N GLU C 119 -20.07 20.08 25.78
CA GLU C 119 -20.62 19.37 26.90
CA GLU C 119 -20.64 19.41 26.94
C GLU C 119 -19.59 19.23 28.01
C GLU C 119 -19.59 19.15 28.01
N ASN C 120 -18.32 19.17 27.62
CA ASN C 120 -17.23 19.01 28.57
C ASN C 120 -16.97 20.31 29.34
N GLU C 121 -17.02 21.42 28.63
CA GLU C 121 -16.68 22.72 29.22
C GLU C 121 -17.87 23.45 29.85
N PHE C 122 -19.09 22.96 29.60
CA PHE C 122 -20.27 23.67 30.08
C PHE C 122 -21.38 22.72 30.57
N GLY C 123 -21.03 21.46 30.77
CA GLY C 123 -22.00 20.47 31.23
C GLY C 123 -22.09 20.40 32.75
N PHE D 6 14.24 -9.40 18.74
CA PHE D 6 13.94 -9.60 17.33
C PHE D 6 12.47 -9.35 17.01
N LYS D 7 12.17 -8.18 16.49
CA LYS D 7 10.82 -7.89 16.01
C LYS D 7 10.73 -8.16 14.50
N LEU D 8 9.67 -8.85 14.09
CA LEU D 8 9.57 -9.31 12.71
C LEU D 8 8.46 -8.62 11.92
N GLU D 9 8.69 -8.45 10.63
CA GLU D 9 7.65 -8.02 9.70
C GLU D 9 7.59 -9.00 8.55
N LYS D 10 6.49 -9.74 8.45
CA LYS D 10 6.33 -10.75 7.42
C LYS D 10 5.59 -10.19 6.21
N LYS D 11 6.29 -10.11 5.09
CA LYS D 11 5.70 -9.61 3.85
C LYS D 11 5.61 -10.74 2.83
N GLU D 12 5.12 -10.42 1.64
CA GLU D 12 4.89 -11.42 0.61
C GLU D 12 6.21 -11.98 0.07
N GLN D 13 7.13 -11.10 -0.28
CA GLN D 13 8.38 -11.50 -0.91
C GLN D 13 9.51 -11.81 0.09
N TYR D 14 9.32 -11.45 1.35
CA TYR D 14 10.42 -11.50 2.32
C TYR D 14 9.97 -11.40 3.76
N VAL D 15 10.95 -11.39 4.66
CA VAL D 15 10.73 -11.09 6.06
C VAL D 15 11.69 -10.00 6.51
N TYR D 16 11.18 -9.00 7.24
CA TYR D 16 12.01 -7.93 7.74
C TYR D 16 12.34 -8.17 9.21
N ILE D 17 13.59 -8.49 9.48
CA ILE D 17 14.05 -8.78 10.83
C ILE D 17 14.78 -7.58 11.43
N GLU D 18 14.43 -7.22 12.65
CA GLU D 18 15.04 -6.06 13.29
C GLU D 18 15.59 -6.40 14.67
N THR D 19 16.67 -5.74 15.06
CA THR D 19 17.27 -5.96 16.37
C THR D 19 17.75 -4.64 16.97
N ASP D 20 17.74 -4.56 18.30
CA ASP D 20 18.26 -3.41 19.01
C ASP D 20 19.68 -3.66 19.54
N ALA D 21 20.19 -4.87 19.30
CA ALA D 21 21.46 -5.29 19.87
C ALA D 21 22.66 -4.47 19.36
N PRO D 22 23.47 -3.96 20.30
CA PRO D 22 24.66 -3.16 19.96
C PRO D 22 25.76 -4.00 19.31
N ALA D 23 25.75 -5.31 19.57
CA ALA D 23 26.75 -6.20 19.03
C ALA D 23 26.12 -7.55 18.67
N PHE D 24 26.54 -8.11 17.54
CA PHE D 24 26.05 -9.42 17.15
C PHE D 24 27.07 -10.42 17.68
N ALA D 25 26.73 -11.06 18.80
CA ALA D 25 27.67 -11.90 19.52
C ALA D 25 26.97 -12.81 20.53
N GLY D 26 27.66 -13.86 20.96
CA GLY D 26 27.15 -14.70 22.03
C GLY D 26 25.87 -15.43 21.69
N ASP D 27 24.83 -15.19 22.49
CA ASP D 27 23.55 -15.85 22.31
C ASP D 27 22.82 -15.38 21.05
N VAL D 28 23.10 -14.15 20.62
CA VAL D 28 22.37 -13.53 19.50
C VAL D 28 22.50 -14.29 18.16
N PRO D 29 23.73 -14.70 17.77
CA PRO D 29 23.81 -15.47 16.53
C PRO D 29 23.06 -16.80 16.62
N ALA D 30 22.95 -17.36 17.81
CA ALA D 30 22.21 -18.60 18.01
C ALA D 30 20.71 -18.33 17.94
N ALA D 31 20.29 -17.19 18.49
CA ALA D 31 18.89 -16.80 18.48
C ALA D 31 18.44 -16.38 17.08
N PHE D 32 19.38 -15.86 16.30
CA PHE D 32 19.09 -15.42 14.95
C PHE D 32 18.89 -16.60 14.02
N GLU D 33 19.79 -17.58 14.11
CA GLU D 33 19.72 -18.77 13.27
C GLU D 33 18.46 -19.58 13.57
N GLU D 34 18.05 -19.59 14.83
CA GLU D 34 16.82 -20.29 15.23
C GLU D 34 15.60 -19.57 14.66
N THR D 35 15.65 -18.24 14.66
CA THR D 35 14.55 -17.43 14.12
C THR D 35 14.53 -17.52 12.60
N ALA D 36 15.71 -17.65 11.99
CA ALA D 36 15.82 -17.72 10.54
C ALA D 36 15.35 -19.08 10.02
N ARG D 37 15.77 -20.15 10.67
CA ARG D 37 15.44 -21.50 10.24
C ARG D 37 13.94 -21.79 10.36
N SER D 38 13.28 -21.12 11.29
CA SER D 38 11.84 -21.27 11.44
C SER D 38 11.10 -20.62 10.28
N LEU D 39 11.63 -19.48 9.82
CA LEU D 39 11.05 -18.77 8.70
C LEU D 39 11.33 -19.51 7.39
N PHE D 40 12.44 -20.21 7.33
CA PHE D 40 12.80 -21.01 6.16
C PHE D 40 11.80 -22.16 5.98
N ARG D 41 11.35 -22.72 7.10
CA ARG D 41 10.38 -23.81 7.07
C ARG D 41 8.98 -23.28 6.77
N GLU D 42 8.78 -21.98 6.99
CA GLU D 42 7.50 -21.34 6.69
C GLU D 42 7.38 -21.02 5.20
N GLY D 43 8.47 -21.19 4.47
CA GLY D 43 8.46 -20.94 3.04
C GLY D 43 9.21 -19.70 2.59
N TYR D 44 9.69 -18.91 3.55
CA TYR D 44 10.38 -17.67 3.22
C TYR D 44 11.82 -17.93 2.78
N HIS D 45 12.14 -17.52 1.56
CA HIS D 45 13.47 -17.74 0.99
C HIS D 45 14.39 -16.50 1.07
N SER D 46 13.86 -15.38 1.57
CA SER D 46 14.63 -14.13 1.59
C SER D 46 14.45 -13.37 2.89
N LEU D 47 15.55 -12.82 3.40
CA LEU D 47 15.54 -12.11 4.67
C LEU D 47 16.22 -10.75 4.60
N ILE D 48 15.61 -9.76 5.24
CA ILE D 48 16.20 -8.43 5.38
C ILE D 48 16.39 -8.10 6.85
N VAL D 49 17.65 -7.97 7.27
CA VAL D 49 17.96 -7.70 8.66
C VAL D 49 18.47 -6.28 8.86
N ASN D 50 17.95 -5.57 9.85
CA ASN D 50 18.49 -4.25 10.16
C ASN D 50 19.54 -4.36 11.26
N GLN D 52 21.82 -1.88 11.76
CA GLN D 52 22.31 -0.50 11.97
C GLN D 52 22.81 -0.25 13.39
N THR D 53 22.20 -0.89 14.36
CA THR D 53 22.61 -0.76 15.76
C THR D 53 23.78 -1.68 16.11
N VAL D 54 24.09 -2.64 15.24
CA VAL D 54 25.14 -3.62 15.53
C VAL D 54 26.51 -3.09 15.12
N LYS D 55 27.38 -2.91 16.11
CA LYS D 55 28.71 -2.37 15.87
C LYS D 55 29.84 -3.40 15.82
N SER D 56 29.54 -4.67 16.07
CA SER D 56 30.60 -5.68 16.10
C SER D 56 30.11 -7.11 15.89
N LEU D 57 31.05 -8.00 15.54
CA LEU D 57 30.77 -9.41 15.36
C LEU D 57 31.73 -10.28 16.18
N ASP D 58 31.37 -11.55 16.35
CA ASP D 58 32.25 -12.52 16.99
C ASP D 58 32.34 -13.78 16.13
N ALA D 59 33.26 -14.67 16.45
CA ALA D 59 33.54 -15.86 15.65
C ALA D 59 32.28 -16.64 15.27
N THR D 60 31.36 -16.78 16.23
CA THR D 60 30.11 -17.48 15.98
C THR D 60 29.15 -16.62 15.19
N GLY D 61 29.32 -15.30 15.26
CA GLY D 61 28.50 -14.38 14.52
C GLY D 61 28.76 -14.45 13.03
N ILE D 62 30.03 -14.54 12.66
CA ILE D 62 30.42 -14.65 11.26
C ILE D 62 29.87 -15.93 10.64
N THR D 63 30.03 -17.05 11.34
CA THR D 63 29.58 -18.34 10.83
C THR D 63 28.06 -18.41 10.72
N THR D 64 27.37 -17.66 11.58
CA THR D 64 25.92 -17.60 11.52
C THR D 64 25.46 -16.87 10.26
N LEU D 65 26.13 -15.76 9.95
CA LEU D 65 25.85 -15.01 8.73
C LEU D 65 26.13 -15.85 7.48
N LYS D 66 27.24 -16.59 7.51
CA LYS D 66 27.61 -17.45 6.39
C LYS D 66 26.59 -18.56 6.16
N LYS D 67 25.97 -19.02 7.25
CA LYS D 67 24.98 -20.09 7.17
C LYS D 67 23.66 -19.56 6.60
N VAL D 68 23.05 -18.62 7.31
CA VAL D 68 21.79 -18.01 6.91
C VAL D 68 21.84 -17.51 5.45
N ASN D 69 22.95 -16.92 5.06
CA ASN D 69 23.13 -16.45 3.69
C ASN D 69 23.14 -17.60 2.70
N TYR D 70 23.77 -18.71 3.07
CA TYR D 70 23.84 -19.88 2.22
C TYR D 70 22.46 -20.51 2.02
N LEU D 71 21.68 -20.55 3.10
CA LEU D 71 20.34 -21.12 3.06
C LEU D 71 19.40 -20.27 2.21
N CYS D 72 19.70 -18.98 2.11
CA CYS D 72 18.93 -18.08 1.26
C CYS D 72 19.37 -18.23 -0.20
N ALA D 73 20.61 -18.65 -0.42
CA ALA D 73 21.16 -18.76 -1.76
C ALA D 73 20.63 -20.00 -2.50
N ASN D 74 20.56 -21.12 -1.78
CA ASN D 74 20.08 -22.37 -2.37
C ASN D 74 18.59 -22.31 -2.71
N ASP D 75 17.87 -21.41 -2.06
CA ASP D 75 16.45 -21.22 -2.32
C ASP D 75 16.24 -20.14 -3.37
N LEU D 76 17.33 -19.66 -3.94
CA LEU D 76 17.33 -18.61 -4.96
C LEU D 76 16.77 -17.30 -4.39
N GLY D 77 16.95 -17.10 -3.10
CA GLY D 77 16.62 -15.85 -2.46
C GLY D 77 17.88 -15.09 -2.13
N LEU D 79 20.01 -12.65 1.31
CA LEU D 79 20.06 -12.08 2.65
C LEU D 79 20.58 -10.65 2.59
N ALA D 80 19.73 -9.69 2.92
CA ALA D 80 20.11 -8.29 2.88
C ALA D 80 20.32 -7.73 4.28
N ILE D 81 21.41 -6.99 4.46
CA ILE D 81 21.70 -6.34 5.74
C ILE D 81 21.63 -4.83 5.58
N VAL D 82 20.93 -4.17 6.49
CA VAL D 82 20.77 -2.73 6.41
C VAL D 82 21.60 -2.00 7.46
N THR D 83 22.62 -1.29 7.01
CA THR D 83 23.40 -0.43 7.89
C THR D 83 23.94 0.79 7.14
N ARG D 84 23.89 1.94 7.80
CA ARG D 84 24.47 3.17 7.24
C ARG D 84 25.87 3.43 7.78
N ASP D 85 26.31 2.58 8.70
CA ASP D 85 27.60 2.77 9.35
C ASP D 85 28.74 2.35 8.42
N ASP D 86 29.63 3.29 8.15
CA ASP D 86 30.70 3.08 7.17
C ASP D 86 31.64 1.94 7.51
N ASP D 87 32.21 1.96 8.70
CA ASP D 87 33.20 0.95 9.08
C ASP D 87 32.56 -0.40 9.38
N PHE D 88 31.26 -0.42 9.63
CA PHE D 88 30.55 -1.69 9.81
C PHE D 88 30.25 -2.32 8.45
N ILE D 89 30.10 -1.48 7.44
CA ILE D 89 29.93 -1.96 6.07
C ILE D 89 31.20 -2.68 5.62
N ASP D 90 32.33 -2.01 5.77
CA ASP D 90 33.63 -2.58 5.41
C ASP D 90 33.88 -3.89 6.14
N LEU D 91 33.42 -3.97 7.37
CA LEU D 91 33.54 -5.19 8.17
C LEU D 91 32.83 -6.35 7.49
N LEU D 92 31.63 -6.10 7.00
CA LEU D 92 30.82 -7.13 6.37
C LEU D 92 31.34 -7.50 4.98
N GLU D 93 31.83 -6.50 4.25
CA GLU D 93 32.37 -6.73 2.91
C GLU D 93 33.66 -7.53 2.97
N ASP D 94 34.48 -7.28 3.99
CA ASP D 94 35.77 -7.94 4.12
C ASP D 94 35.62 -9.41 4.54
N LEU D 95 34.41 -9.79 4.96
CA LEU D 95 34.12 -11.18 5.27
C LEU D 95 34.11 -12.02 4.01
N ARG D 96 33.92 -11.35 2.87
CA ARG D 96 33.84 -11.98 1.56
C ARG D 96 32.75 -13.05 1.51
N ILE D 97 31.62 -12.75 2.14
CA ILE D 97 30.46 -13.63 2.07
C ILE D 97 29.77 -13.48 0.72
N PRO D 98 29.72 -14.58 -0.05
CA PRO D 98 29.19 -14.56 -1.42
C PRO D 98 27.72 -14.14 -1.49
N ASP D 99 27.43 -13.20 -2.39
CA ASP D 99 26.07 -12.72 -2.63
C ASP D 99 25.42 -12.11 -1.38
N LEU D 100 26.25 -11.63 -0.46
CA LEU D 100 25.75 -10.92 0.71
C LEU D 100 25.55 -9.45 0.36
N THR D 101 24.33 -8.97 0.55
CA THR D 101 23.98 -7.61 0.14
C THR D 101 23.88 -6.66 1.32
N VAL D 102 24.73 -5.64 1.33
CA VAL D 102 24.72 -4.62 2.36
C VAL D 102 24.22 -3.30 1.80
N LEU D 103 23.11 -2.80 2.35
CA LEU D 103 22.47 -1.61 1.83
C LEU D 103 22.14 -0.60 2.93
N PRO D 104 22.20 0.70 2.61
CA PRO D 104 22.00 1.75 3.61
C PRO D 104 20.60 1.81 4.24
N THR D 105 19.57 1.63 3.42
CA THR D 105 18.20 1.81 3.90
C THR D 105 17.34 0.57 3.70
N LYS D 106 16.22 0.52 4.40
CA LYS D 106 15.24 -0.56 4.24
C LYS D 106 14.64 -0.54 2.85
N GLU D 107 14.40 0.67 2.34
CA GLU D 107 13.82 0.85 1.01
C GLU D 107 14.67 0.19 -0.06
N GLU D 108 15.99 0.39 0.01
CA GLU D 108 16.91 -0.17 -0.96
C GLU D 108 16.99 -1.69 -0.84
N ALA D 109 16.86 -2.20 0.38
CA ALA D 109 16.88 -3.64 0.61
C ALA D 109 15.66 -4.31 -0.02
N ILE D 110 14.51 -3.65 0.12
CA ILE D 110 13.27 -4.15 -0.47
C ILE D 110 13.36 -4.15 -1.99
N ASP D 111 13.88 -3.05 -2.54
CA ASP D 111 14.07 -2.94 -3.98
C ASP D 111 15.04 -4.00 -4.49
N ALA D 112 16.08 -4.28 -3.70
CA ALA D 112 17.06 -5.30 -4.06
C ALA D 112 16.40 -6.67 -4.12
N VAL D 113 15.59 -6.98 -3.11
CA VAL D 113 14.88 -8.26 -3.06
C VAL D 113 13.91 -8.37 -4.23
N PHE D 114 13.21 -7.28 -4.52
CA PHE D 114 12.28 -7.23 -5.64
C PHE D 114 12.99 -7.51 -6.95
N HIS D 116 15.85 -8.86 -7.44
CA HIS D 116 16.40 -10.22 -7.41
C HIS D 116 15.31 -11.23 -7.70
N SER D 117 14.13 -11.03 -7.11
CA SER D 117 13.01 -11.94 -7.29
C SER D 117 12.50 -11.90 -8.73
N LEU D 118 12.47 -10.71 -9.31
CA LEU D 118 11.99 -10.52 -10.66
C LEU D 118 12.88 -11.21 -11.68
N GLU D 119 14.19 -11.11 -11.47
CA GLU D 119 15.15 -11.71 -12.39
C GLU D 119 15.16 -13.24 -12.27
N ASN D 120 14.96 -13.74 -11.05
CA ASN D 120 14.89 -15.17 -10.83
C ASN D 120 13.69 -15.80 -11.52
N GLU D 121 12.65 -15.01 -11.75
CA GLU D 121 11.46 -15.49 -12.42
C GLU D 121 11.77 -15.83 -13.87
N PHE D 122 12.59 -14.99 -14.51
CA PHE D 122 12.97 -15.22 -15.89
C PHE D 122 14.31 -15.95 -16.00
N GLY D 123 14.89 -16.28 -14.86
CA GLY D 123 16.14 -17.02 -14.82
C GLY D 123 17.37 -16.17 -15.09
N ALA D 124 17.23 -14.86 -14.96
CA ALA D 124 18.33 -13.94 -15.19
C ALA D 124 19.24 -13.81 -13.98
#